data_7WJ8
#
_entry.id   7WJ8
#
_cell.length_a   76.716
_cell.length_b   83.806
_cell.length_c   62.007
_cell.angle_alpha   90.00
_cell.angle_beta   100.41
_cell.angle_gamma   90.00
#
_symmetry.space_group_name_H-M   'C 1 2 1'
#
loop_
_entity.id
_entity.type
_entity.pdbx_description
1 polymer '4-hydroxyphenylpyruvate dioxygenase'
2 non-polymer 'COBALT (II) ION'
3 non-polymer '2-pyren-1-yloxyethyl 2-[1,5-dimethyl-2,4-bis(oxidanylidene)-6-(2-oxidanyl-6-oxidanylidene-cyclohexen-1-yl)carbonyl-quinazolin-3-yl]ethanoate'
4 water water
#
_entity_poly.entity_id   1
_entity_poly.type   'polypeptide(L)'
_entity_poly.pdbx_seq_one_letter_code
;GSHMVRKNPKSDKFKVKRFHHIEFWCGDATNVARRFSWGLGMRFSAKSDLSTGNMVHASYLLTSGDLRFLFTAPYSPSLS
AGEIKPTTTASIPSFDHGSCRSFFSSHGLGVRAVAIEVEDAESAFSISVANGAIPSSPPIVLNEAVTIAEVKLYGDVVLR
YVSYKAEDTEKSEFLPGFERVEDASSFPLDYGIRRLDHAVGNVPELGPALTYVAGFTGFHQFAEFTADDVGTAESGLNSA
VLASNDEMVLLPINEPVHGTKRKSQIQTYLEHNEGAGLQHLALMSEDIFRTLREMRKRSSIGGFDFMPSPPPTYYQNLKK
RVGDVLSDDQIKECEELGILVDRDDQGTLLQIFTKPLGDRPTIFIEIIQRVGCMMKDEEGKAYQSGGCGGFGKGNFSELF
KSIEEYEKTLEAKQLVG
;
_entity_poly.pdbx_strand_id   A
#
loop_
_chem_comp.id
_chem_comp.type
_chem_comp.name
_chem_comp.formula
0B8 non-polymer '2-pyren-1-yloxyethyl 2-[1,5-dimethyl-2,4-bis(oxidanylidene)-6-(2-oxidanyl-6-oxidanylidene-cyclohexen-1-yl)carbonyl-quinazolin-3-yl]ethanoate' 'C37 H30 N2 O8'
CO non-polymer 'COBALT (II) ION' 'Co 2'
#
# COMPACT_ATOMS: atom_id res chain seq x y z
N LYS A 7 2.27 17.44 17.59
CA LYS A 7 1.22 17.08 18.54
C LYS A 7 0.48 15.81 18.10
N ASN A 8 0.28 14.90 19.05
CA ASN A 8 -0.44 13.66 18.81
C ASN A 8 -1.56 13.57 19.85
N PRO A 9 -2.80 13.91 19.50
CA PRO A 9 -3.89 13.86 20.47
C PRO A 9 -4.34 12.46 20.84
N LYS A 10 -3.85 11.42 20.16
CA LYS A 10 -4.18 10.03 20.44
C LYS A 10 -5.69 9.82 20.57
N SER A 11 -6.39 10.17 19.49
CA SER A 11 -7.86 10.24 19.49
C SER A 11 -8.52 9.07 18.77
N ASP A 12 -7.80 7.98 18.49
CA ASP A 12 -8.40 6.80 17.86
C ASP A 12 -9.69 6.40 18.57
N LYS A 13 -10.75 6.18 17.79
CA LYS A 13 -12.02 5.85 18.42
C LYS A 13 -12.14 4.37 18.74
N PHE A 14 -11.16 3.55 18.34
CA PHE A 14 -11.09 2.15 18.67
C PHE A 14 -9.62 1.74 18.60
N LYS A 15 -9.32 0.57 19.17
CA LYS A 15 -7.93 0.12 19.29
C LYS A 15 -7.45 -0.46 17.97
N VAL A 16 -6.43 0.17 17.39
CA VAL A 16 -5.85 -0.22 16.11
C VAL A 16 -4.45 -0.76 16.38
N LYS A 17 -4.10 -1.86 15.71
CA LYS A 17 -2.78 -2.45 15.93
C LYS A 17 -1.86 -2.08 14.77
N ARG A 18 -1.82 -2.88 13.72
CA ARG A 18 -0.94 -2.56 12.60
C ARG A 18 -1.67 -2.86 11.30
N PHE A 19 -1.08 -2.40 10.20
CA PHE A 19 -1.51 -2.89 8.89
C PHE A 19 -1.47 -4.41 8.89
N HIS A 20 -2.51 -5.02 8.33
CA HIS A 20 -2.59 -6.47 8.30
C HIS A 20 -2.35 -7.04 6.91
N HIS A 21 -3.05 -6.53 5.90
CA HIS A 21 -2.81 -6.99 4.53
C HIS A 21 -3.40 -5.99 3.55
N ILE A 22 -3.02 -6.15 2.29
CA ILE A 22 -3.55 -5.36 1.18
C ILE A 22 -4.13 -6.38 0.21
N GLU A 23 -5.36 -6.15 -0.26
CA GLU A 23 -6.00 -7.05 -1.21
C GLU A 23 -6.18 -6.37 -2.57
N PHE A 24 -5.61 -6.98 -3.61
CA PHE A 24 -5.80 -6.57 -4.99
C PHE A 24 -6.96 -7.35 -5.57
N TRP A 25 -7.85 -6.65 -6.27
CA TRP A 25 -8.87 -7.32 -7.07
C TRP A 25 -8.37 -7.40 -8.50
N CYS A 26 -8.42 -8.61 -9.05
CA CYS A 26 -7.71 -8.98 -10.26
C CYS A 26 -8.69 -9.60 -11.25
N GLY A 27 -8.26 -9.68 -12.50
CA GLY A 27 -9.01 -10.50 -13.43
C GLY A 27 -8.57 -11.95 -13.36
N ASP A 28 -7.26 -12.16 -13.27
CA ASP A 28 -6.66 -13.47 -13.06
C ASP A 28 -5.69 -13.35 -11.89
N ALA A 29 -6.05 -13.91 -10.74
CA ALA A 29 -5.21 -13.74 -9.56
C ALA A 29 -3.89 -14.51 -9.69
N THR A 30 -3.91 -15.65 -10.39
CA THR A 30 -2.70 -16.47 -10.52
C THR A 30 -1.58 -15.69 -11.19
N ASN A 31 -1.87 -15.05 -12.32
CA ASN A 31 -0.81 -14.41 -13.08
C ASN A 31 -0.29 -13.16 -12.38
N VAL A 32 -1.18 -12.40 -11.74
CA VAL A 32 -0.71 -11.23 -10.99
C VAL A 32 0.13 -11.68 -9.80
N ALA A 33 -0.36 -12.67 -9.05
CA ALA A 33 0.39 -13.13 -7.89
C ALA A 33 1.77 -13.65 -8.30
N ARG A 34 1.86 -14.43 -9.38
CA ARG A 34 3.17 -14.96 -9.75
C ARG A 34 4.13 -13.84 -10.19
N ARG A 35 3.61 -12.84 -10.93
CA ARG A 35 4.45 -11.71 -11.33
C ARG A 35 4.95 -10.95 -10.10
N PHE A 36 4.05 -10.61 -9.17
CA PHE A 36 4.43 -9.88 -7.97
C PHE A 36 5.42 -10.68 -7.13
N SER A 37 5.20 -11.99 -7.02
CA SER A 37 6.08 -12.81 -6.19
C SER A 37 7.52 -12.71 -6.67
N TRP A 38 7.73 -12.88 -7.97
CA TRP A 38 9.06 -12.79 -8.55
C TRP A 38 9.60 -11.36 -8.50
N GLY A 39 8.75 -10.37 -8.82
CA GLY A 39 9.22 -9.00 -8.89
C GLY A 39 9.61 -8.40 -7.55
N LEU A 40 8.93 -8.80 -6.48
CA LEU A 40 9.12 -8.22 -5.16
C LEU A 40 9.80 -9.14 -4.16
N GLY A 41 9.96 -10.41 -4.49
CA GLY A 41 10.58 -11.37 -3.59
C GLY A 41 9.68 -11.73 -2.44
N MET A 42 8.43 -12.06 -2.76
CA MET A 42 7.46 -12.48 -1.76
C MET A 42 7.12 -13.94 -2.02
N ARG A 43 6.96 -14.69 -0.94
CA ARG A 43 6.69 -16.11 -1.12
C ARG A 43 5.20 -16.40 -1.06
N PHE A 44 4.80 -17.45 -1.76
CA PHE A 44 3.42 -17.93 -1.70
C PHE A 44 3.18 -18.61 -0.36
N SER A 45 2.26 -18.10 0.45
CA SER A 45 2.10 -18.68 1.78
C SER A 45 0.73 -19.23 2.07
N ALA A 46 -0.34 -18.80 1.39
CA ALA A 46 -1.65 -19.36 1.65
C ALA A 46 -2.51 -19.24 0.41
N LYS A 47 -3.53 -20.09 0.32
CA LYS A 47 -4.44 -20.06 -0.80
C LYS A 47 -5.86 -20.39 -0.37
N SER A 48 -6.81 -19.89 -1.13
CA SER A 48 -8.21 -20.29 -1.01
C SER A 48 -8.75 -20.28 -2.42
N ASP A 49 -9.09 -21.45 -2.95
CA ASP A 49 -9.46 -21.56 -4.35
C ASP A 49 -10.20 -22.88 -4.54
N LEU A 50 -10.39 -23.30 -5.80
CA LEU A 50 -11.11 -24.54 -6.06
C LEU A 50 -10.49 -25.72 -5.29
N SER A 51 -9.16 -25.74 -5.17
CA SER A 51 -8.55 -26.88 -4.49
C SER A 51 -8.79 -26.89 -2.99
N THR A 52 -9.27 -25.78 -2.40
CA THR A 52 -9.63 -25.76 -1.00
C THR A 52 -11.14 -25.74 -0.78
N GLY A 53 -11.91 -25.94 -1.84
CA GLY A 53 -13.36 -25.98 -1.73
C GLY A 53 -14.05 -24.66 -1.97
N ASN A 54 -13.32 -23.61 -2.33
CA ASN A 54 -13.91 -22.30 -2.60
C ASN A 54 -14.35 -22.29 -4.07
N MET A 55 -15.67 -22.26 -4.30
CA MET A 55 -16.22 -22.25 -5.64
C MET A 55 -16.52 -20.84 -6.13
N VAL A 56 -16.18 -19.82 -5.34
CA VAL A 56 -16.58 -18.45 -5.58
C VAL A 56 -15.43 -17.60 -6.10
N HIS A 57 -14.32 -17.59 -5.38
CA HIS A 57 -13.18 -16.76 -5.76
C HIS A 57 -11.87 -17.52 -5.57
N ALA A 58 -10.88 -17.13 -6.35
CA ALA A 58 -9.51 -17.61 -6.22
C ALA A 58 -8.73 -16.52 -5.48
N SER A 59 -8.10 -16.87 -4.36
CA SER A 59 -7.36 -15.90 -3.57
C SER A 59 -6.00 -16.47 -3.19
N TYR A 60 -4.93 -15.75 -3.51
CA TYR A 60 -3.57 -16.20 -3.23
C TYR A 60 -2.84 -15.16 -2.40
N LEU A 61 -2.19 -15.61 -1.33
CA LEU A 61 -1.52 -14.72 -0.39
C LEU A 61 -0.01 -14.83 -0.56
N LEU A 62 0.64 -13.68 -0.76
CA LEU A 62 2.09 -13.56 -0.77
C LEU A 62 2.54 -12.87 0.50
N THR A 63 3.69 -13.28 1.05
CA THR A 63 4.21 -12.64 2.25
C THR A 63 5.69 -12.33 2.10
N SER A 64 6.12 -11.26 2.75
CA SER A 64 7.54 -10.98 2.92
C SER A 64 7.66 -10.30 4.27
N GLY A 65 8.23 -11.02 5.23
CA GLY A 65 8.21 -10.51 6.60
C GLY A 65 6.78 -10.41 7.08
N ASP A 66 6.39 -9.21 7.52
CA ASP A 66 5.02 -8.98 7.96
C ASP A 66 4.14 -8.40 6.86
N LEU A 67 4.69 -8.19 5.66
CA LEU A 67 3.88 -7.66 4.57
C LEU A 67 3.05 -8.78 3.97
N ARG A 68 1.75 -8.53 3.79
CA ARG A 68 0.84 -9.54 3.26
C ARG A 68 0.11 -8.93 2.08
N PHE A 69 0.32 -9.50 0.89
CA PHE A 69 -0.38 -9.10 -0.33
C PHE A 69 -1.32 -10.24 -0.74
N LEU A 70 -2.62 -9.93 -0.84
CA LEU A 70 -3.64 -10.89 -1.24
C LEU A 70 -4.14 -10.55 -2.64
N PHE A 71 -4.21 -11.56 -3.51
CA PHE A 71 -4.69 -11.39 -4.90
C PHE A 71 -5.92 -12.25 -5.10
N THR A 72 -7.03 -11.62 -5.51
CA THR A 72 -8.31 -12.29 -5.59
C THR A 72 -8.98 -12.01 -6.93
N ALA A 73 -9.58 -13.04 -7.51
CA ALA A 73 -10.34 -12.93 -8.76
C ALA A 73 -11.58 -13.81 -8.64
N PRO A 74 -12.66 -13.47 -9.34
CA PRO A 74 -13.86 -14.29 -9.29
C PRO A 74 -13.81 -15.44 -10.28
N TYR A 75 -14.38 -16.58 -9.89
CA TYR A 75 -14.68 -17.66 -10.82
C TYR A 75 -15.96 -17.34 -11.58
N SER A 76 -16.33 -18.21 -12.52
CA SER A 76 -17.66 -18.12 -13.13
C SER A 76 -18.72 -18.19 -12.03
N PRO A 77 -19.68 -17.27 -12.00
CA PRO A 77 -20.78 -17.41 -11.02
C PRO A 77 -21.51 -18.73 -11.12
N SER A 78 -21.46 -19.40 -12.28
CA SER A 78 -22.16 -20.67 -12.44
C SER A 78 -21.70 -21.73 -11.45
N LEU A 79 -20.42 -21.69 -11.02
CA LEU A 79 -19.92 -22.70 -10.10
C LEU A 79 -20.58 -22.64 -8.74
N SER A 80 -21.10 -21.48 -8.37
CA SER A 80 -21.65 -21.25 -7.04
C SER A 80 -23.10 -20.82 -7.11
N ALA A 81 -23.76 -21.05 -8.24
CA ALA A 81 -25.08 -20.49 -8.48
C ALA A 81 -26.11 -21.03 -7.49
N GLY A 82 -25.87 -22.23 -6.95
CA GLY A 82 -26.80 -22.78 -5.97
C GLY A 82 -26.59 -22.31 -4.55
N GLU A 83 -25.51 -21.58 -4.32
CA GLU A 83 -25.19 -21.12 -2.98
C GLU A 83 -25.98 -19.88 -2.61
N ILE A 84 -26.18 -19.69 -1.31
CA ILE A 84 -26.63 -18.44 -0.74
C ILE A 84 -25.58 -18.06 0.30
N LYS A 85 -25.66 -16.81 0.78
CA LYS A 85 -24.68 -16.39 1.78
C LYS A 85 -24.58 -17.35 2.97
N PRO A 86 -25.68 -17.86 3.55
CA PRO A 86 -25.56 -18.87 4.61
C PRO A 86 -24.82 -20.14 4.20
N THR A 87 -24.83 -20.52 2.92
CA THR A 87 -24.19 -21.74 2.45
C THR A 87 -22.92 -21.48 1.63
N THR A 88 -22.35 -20.28 1.72
CA THR A 88 -21.28 -19.90 0.80
C THR A 88 -20.01 -20.73 1.03
N THR A 89 -19.30 -20.99 -0.07
CA THR A 89 -17.96 -21.57 0.01
C THR A 89 -16.86 -20.51 -0.11
N ALA A 90 -17.21 -19.24 -0.26
CA ALA A 90 -16.22 -18.17 -0.23
C ALA A 90 -15.55 -18.12 1.14
N SER A 91 -14.24 -17.88 1.16
CA SER A 91 -13.54 -17.69 2.41
C SER A 91 -13.54 -16.23 2.85
N ILE A 92 -13.82 -15.31 1.94
CA ILE A 92 -13.91 -13.89 2.28
C ILE A 92 -15.37 -13.51 2.07
N PRO A 93 -16.19 -13.49 3.14
CA PRO A 93 -17.64 -13.36 2.93
C PRO A 93 -18.06 -12.03 2.34
N SER A 94 -17.23 -10.99 2.42
CA SER A 94 -17.54 -9.73 1.76
C SER A 94 -17.44 -9.81 0.24
N PHE A 95 -16.82 -10.84 -0.30
CA PHE A 95 -16.62 -10.90 -1.74
C PHE A 95 -17.96 -10.99 -2.48
N ASP A 96 -18.04 -10.31 -3.62
CA ASP A 96 -19.22 -10.36 -4.48
C ASP A 96 -18.75 -10.37 -5.92
N HIS A 97 -19.24 -11.34 -6.72
CA HIS A 97 -18.85 -11.44 -8.13
C HIS A 97 -19.08 -10.12 -8.85
N GLY A 98 -20.30 -9.58 -8.74
CA GLY A 98 -20.64 -8.35 -9.43
C GLY A 98 -19.78 -7.17 -9.01
N SER A 99 -19.56 -7.03 -7.70
CA SER A 99 -18.71 -5.94 -7.21
C SER A 99 -17.30 -6.05 -7.78
N CYS A 100 -16.75 -7.26 -7.77
CA CYS A 100 -15.37 -7.45 -8.20
C CYS A 100 -15.22 -7.19 -9.69
N ARG A 101 -16.15 -7.70 -10.49
CA ARG A 101 -16.06 -7.47 -11.93
C ARG A 101 -16.24 -5.99 -12.25
N SER A 102 -17.18 -5.33 -11.57
CA SER A 102 -17.41 -3.92 -11.80
C SER A 102 -16.20 -3.08 -11.37
N PHE A 103 -15.61 -3.41 -10.21
CA PHE A 103 -14.40 -2.73 -9.77
C PHE A 103 -13.30 -2.85 -10.83
N PHE A 104 -13.05 -4.07 -11.31
CA PHE A 104 -11.93 -4.25 -12.23
C PHE A 104 -12.20 -3.63 -13.59
N SER A 105 -13.44 -3.74 -14.08
CA SER A 105 -13.75 -3.08 -15.35
C SER A 105 -13.61 -1.56 -15.23
N SER A 106 -13.98 -1.01 -14.07
CA SER A 106 -13.91 0.45 -13.89
C SER A 106 -12.47 0.93 -13.71
N HIS A 107 -11.72 0.27 -12.83
CA HIS A 107 -10.44 0.79 -12.36
C HIS A 107 -9.23 0.04 -12.91
N GLY A 108 -9.42 -1.16 -13.47
CA GLY A 108 -8.29 -2.02 -13.77
C GLY A 108 -7.72 -2.58 -12.48
N LEU A 109 -6.55 -3.22 -12.62
CA LEU A 109 -5.88 -3.86 -11.48
C LEU A 109 -5.54 -2.85 -10.40
N GLY A 110 -5.94 -3.14 -9.17
CA GLY A 110 -5.68 -2.19 -8.11
C GLY A 110 -6.11 -2.73 -6.78
N VAL A 111 -5.96 -1.89 -5.76
CA VAL A 111 -6.22 -2.29 -4.38
C VAL A 111 -7.70 -2.09 -4.07
N ARG A 112 -8.34 -3.17 -3.64
CA ARG A 112 -9.71 -3.10 -3.15
C ARG A 112 -9.76 -2.83 -1.65
N ALA A 113 -8.88 -3.47 -0.87
CA ALA A 113 -8.98 -3.41 0.59
C ALA A 113 -7.63 -3.06 1.20
N VAL A 114 -7.64 -2.07 2.07
CA VAL A 114 -6.55 -1.75 2.97
C VAL A 114 -6.98 -2.29 4.32
N ALA A 115 -6.33 -3.36 4.78
CA ALA A 115 -6.80 -4.06 5.97
C ALA A 115 -5.89 -3.75 7.15
N ILE A 116 -6.49 -3.39 8.28
CA ILE A 116 -5.75 -3.15 9.51
C ILE A 116 -6.26 -4.10 10.59
N GLU A 117 -5.35 -4.60 11.41
CA GLU A 117 -5.75 -5.44 12.52
C GLU A 117 -6.17 -4.52 13.67
N VAL A 118 -7.33 -4.83 14.24
CA VAL A 118 -7.88 -4.08 15.36
C VAL A 118 -8.15 -5.05 16.51
N GLU A 119 -8.46 -4.47 17.67
CA GLU A 119 -8.76 -5.30 18.83
C GLU A 119 -10.06 -6.07 18.64
N ASP A 120 -11.07 -5.42 18.06
CA ASP A 120 -12.41 -5.99 17.95
C ASP A 120 -13.03 -5.39 16.70
N ALA A 121 -13.10 -6.20 15.62
CA ALA A 121 -13.57 -5.68 14.34
C ALA A 121 -15.04 -5.30 14.41
N GLU A 122 -15.83 -6.01 15.23
CA GLU A 122 -17.24 -5.64 15.37
C GLU A 122 -17.38 -4.28 16.04
N SER A 123 -16.63 -4.03 17.11
CA SER A 123 -16.66 -2.71 17.75
C SER A 123 -16.15 -1.63 16.81
N ALA A 124 -14.99 -1.87 16.18
CA ALA A 124 -14.46 -0.90 15.21
C ALA A 124 -15.49 -0.54 14.16
N PHE A 125 -16.20 -1.54 13.63
CA PHE A 125 -17.20 -1.29 12.60
C PHE A 125 -18.35 -0.45 13.16
N SER A 126 -18.87 -0.85 14.32
CA SER A 126 -20.00 -0.12 14.91
C SER A 126 -19.62 1.33 15.22
N ILE A 127 -18.49 1.52 15.90
CA ILE A 127 -18.04 2.86 16.22
C ILE A 127 -17.79 3.66 14.95
N SER A 128 -17.14 3.05 13.95
CA SER A 128 -16.89 3.77 12.70
C SER A 128 -18.19 4.26 12.07
N VAL A 129 -19.18 3.37 11.94
CA VAL A 129 -20.43 3.75 11.29
C VAL A 129 -21.18 4.77 12.14
N ALA A 130 -21.16 4.59 13.47
CA ALA A 130 -21.75 5.61 14.35
C ALA A 130 -21.13 6.97 14.14
N ASN A 131 -19.89 7.03 13.63
CA ASN A 131 -19.16 8.27 13.46
C ASN A 131 -18.99 8.66 12.00
N GLY A 132 -19.89 8.20 11.13
CA GLY A 132 -19.95 8.68 9.76
C GLY A 132 -19.48 7.71 8.70
N ALA A 133 -18.84 6.60 9.07
CA ALA A 133 -18.35 5.68 8.06
C ALA A 133 -19.49 5.09 7.25
N ILE A 134 -19.30 4.99 5.94
CA ILE A 134 -20.26 4.33 5.08
C ILE A 134 -19.99 2.83 5.12
N PRO A 135 -20.93 2.04 5.63
CA PRO A 135 -20.69 0.58 5.72
C PRO A 135 -20.55 -0.04 4.35
N SER A 136 -19.67 -1.02 4.26
CA SER A 136 -19.49 -1.78 3.03
C SER A 136 -19.79 -3.27 3.21
N SER A 137 -19.37 -3.85 4.32
CA SER A 137 -19.63 -5.24 4.63
C SER A 137 -19.70 -5.37 6.14
N PRO A 138 -20.77 -5.92 6.70
CA PRO A 138 -20.94 -5.96 8.14
C PRO A 138 -20.02 -6.97 8.78
N PRO A 139 -19.84 -6.90 10.10
CA PRO A 139 -18.93 -7.83 10.77
C PRO A 139 -19.42 -9.26 10.60
N ILE A 140 -18.50 -10.14 10.24
CA ILE A 140 -18.77 -11.56 10.08
C ILE A 140 -17.72 -12.34 10.82
N VAL A 141 -18.14 -13.28 11.66
CA VAL A 141 -17.24 -14.11 12.43
C VAL A 141 -16.96 -15.38 11.65
N LEU A 142 -15.69 -15.65 11.39
CA LEU A 142 -15.26 -16.81 10.61
C LEU A 142 -14.73 -17.88 11.56
N ASN A 143 -15.37 -19.06 11.53
CA ASN A 143 -14.96 -20.21 12.35
C ASN A 143 -14.76 -19.83 13.82
N GLU A 144 -15.57 -18.91 14.33
CA GLU A 144 -15.51 -18.47 15.72
C GLU A 144 -14.10 -18.02 16.11
N ALA A 145 -13.35 -17.52 15.14
CA ALA A 145 -11.94 -17.29 15.38
C ALA A 145 -11.47 -15.93 14.90
N VAL A 146 -11.97 -15.47 13.76
CA VAL A 146 -11.56 -14.20 13.17
C VAL A 146 -12.81 -13.42 12.80
N THR A 147 -12.79 -12.11 13.03
CA THR A 147 -13.89 -11.25 12.65
C THR A 147 -13.41 -10.25 11.60
N ILE A 148 -14.20 -10.07 10.56
CA ILE A 148 -13.86 -9.16 9.47
C ILE A 148 -15.04 -8.25 9.18
N ALA A 149 -14.75 -6.96 8.95
CA ALA A 149 -15.75 -5.96 8.61
C ALA A 149 -15.10 -4.92 7.70
N GLU A 150 -15.93 -4.21 6.93
CA GLU A 150 -15.44 -3.27 5.93
C GLU A 150 -16.28 -2.01 5.86
N VAL A 151 -15.60 -0.86 5.78
CA VAL A 151 -16.25 0.42 5.54
C VAL A 151 -15.57 1.08 4.35
N LYS A 152 -16.28 2.01 3.71
CA LYS A 152 -15.69 2.69 2.56
C LYS A 152 -14.58 3.64 3.02
N LEU A 153 -13.47 3.64 2.28
CA LEU A 153 -12.35 4.53 2.59
C LEU A 153 -12.31 5.71 1.63
N TYR A 154 -12.16 5.44 0.33
CA TYR A 154 -12.29 6.43 -0.73
C TYR A 154 -12.48 5.67 -2.03
N GLY A 155 -13.20 6.29 -2.98
CA GLY A 155 -13.51 5.58 -4.21
C GLY A 155 -14.20 4.26 -3.94
N ASP A 156 -13.69 3.20 -4.55
CA ASP A 156 -14.17 1.84 -4.31
C ASP A 156 -13.21 1.04 -3.44
N VAL A 157 -12.32 1.73 -2.73
CA VAL A 157 -11.40 1.12 -1.78
C VAL A 157 -12.08 1.06 -0.42
N VAL A 158 -11.96 -0.08 0.27
CA VAL A 158 -12.52 -0.22 1.61
C VAL A 158 -11.39 -0.28 2.62
N LEU A 159 -11.68 0.20 3.83
CA LEU A 159 -10.85 -0.06 5.01
C LEU A 159 -11.41 -1.31 5.67
N ARG A 160 -10.61 -2.36 5.72
CA ARG A 160 -11.04 -3.65 6.25
C ARG A 160 -10.52 -3.79 7.67
N TYR A 161 -11.41 -4.10 8.61
CA TYR A 161 -11.02 -4.39 9.98
C TYR A 161 -10.96 -5.90 10.17
N VAL A 162 -9.88 -6.39 10.76
CA VAL A 162 -9.72 -7.80 11.10
C VAL A 162 -9.29 -7.89 12.57
N SER A 163 -9.94 -8.77 13.32
CA SER A 163 -9.55 -9.03 14.71
C SER A 163 -9.52 -10.52 14.94
N TYR A 164 -8.58 -10.97 15.76
CA TYR A 164 -8.36 -12.38 16.03
C TYR A 164 -8.65 -12.68 17.49
N LYS A 165 -9.34 -13.78 17.74
CA LYS A 165 -9.51 -14.23 19.12
C LYS A 165 -8.17 -14.63 19.72
N ALA A 166 -7.38 -15.40 18.98
CA ALA A 166 -6.04 -15.79 19.45
C ALA A 166 -4.96 -14.84 18.94
N GLU A 173 -3.63 -19.96 9.06
CA GLU A 173 -3.72 -18.93 10.08
C GLU A 173 -3.97 -17.52 9.52
N PHE A 174 -3.92 -17.33 8.20
CA PHE A 174 -4.29 -16.03 7.64
C PHE A 174 -5.75 -15.77 7.94
N LEU A 175 -6.63 -16.50 7.28
CA LEU A 175 -8.06 -16.50 7.52
C LEU A 175 -8.53 -17.93 7.51
N PRO A 176 -9.58 -18.26 8.26
CA PRO A 176 -10.18 -19.59 8.15
C PRO A 176 -10.56 -19.88 6.71
N GLY A 177 -10.39 -21.13 6.31
CA GLY A 177 -10.65 -21.52 4.95
C GLY A 177 -9.46 -21.40 4.03
N PHE A 178 -8.44 -20.65 4.41
CA PHE A 178 -7.18 -20.59 3.66
C PHE A 178 -6.28 -21.74 4.10
N GLU A 179 -5.58 -22.34 3.14
CA GLU A 179 -4.65 -23.42 3.42
C GLU A 179 -3.22 -22.96 3.18
N ARG A 180 -2.30 -23.44 4.03
CA ARG A 180 -0.89 -23.13 3.83
C ARG A 180 -0.41 -23.76 2.54
N VAL A 181 0.52 -23.10 1.86
CA VAL A 181 0.88 -23.52 0.51
C VAL A 181 1.98 -24.56 0.59
N GLU A 182 1.74 -25.68 -0.09
CA GLU A 182 2.69 -26.74 -0.42
C GLU A 182 4.13 -26.25 -0.52
N ASP A 183 5.05 -26.93 0.18
CA ASP A 183 6.43 -26.47 0.23
C ASP A 183 7.04 -26.35 -1.16
N ALA A 184 6.66 -27.25 -2.08
CA ALA A 184 7.24 -27.24 -3.42
C ALA A 184 6.84 -26.01 -4.22
N SER A 185 5.60 -25.54 -4.04
CA SER A 185 5.15 -24.31 -4.68
C SER A 185 5.53 -23.07 -3.89
N SER A 186 6.16 -23.20 -2.73
CA SER A 186 6.50 -22.08 -1.86
C SER A 186 8.01 -21.91 -1.83
N PHE A 187 8.54 -21.30 -2.87
CA PHE A 187 9.97 -20.98 -2.94
C PHE A 187 10.29 -19.81 -2.00
N PRO A 188 11.34 -19.92 -1.16
CA PRO A 188 11.53 -18.92 -0.10
C PRO A 188 12.22 -17.65 -0.61
N LEU A 189 11.60 -16.98 -1.58
CA LEU A 189 12.13 -15.72 -2.06
C LEU A 189 12.10 -14.66 -0.97
N ASP A 190 13.10 -13.78 -0.96
CA ASP A 190 13.15 -12.68 -0.01
C ASP A 190 14.17 -11.65 -0.47
N TYR A 191 13.71 -10.45 -0.85
CA TYR A 191 14.64 -9.39 -1.23
C TYR A 191 14.78 -8.34 -0.14
N GLY A 192 14.26 -8.58 1.06
CA GLY A 192 14.43 -7.68 2.17
C GLY A 192 13.19 -6.90 2.59
N ILE A 193 12.07 -6.99 1.89
CA ILE A 193 10.89 -6.22 2.27
C ILE A 193 10.26 -6.83 3.53
N ARG A 194 9.83 -5.97 4.46
CA ARG A 194 9.42 -6.46 5.76
C ARG A 194 8.02 -6.03 6.20
N ARG A 195 7.53 -4.86 5.79
CA ARG A 195 6.19 -4.46 6.22
C ARG A 195 5.68 -3.33 5.35
N LEU A 196 4.36 -3.10 5.44
CA LEU A 196 3.74 -1.94 4.82
C LEU A 196 3.97 -0.72 5.69
N ASP A 197 4.59 0.30 5.12
CA ASP A 197 4.81 1.52 5.88
C ASP A 197 3.64 2.47 5.78
N HIS A 198 3.13 2.71 4.57
CA HIS A 198 1.96 3.56 4.42
C HIS A 198 1.28 3.25 3.11
N ALA A 199 0.01 3.67 3.02
CA ALA A 199 -0.84 3.42 1.86
C ALA A 199 -1.54 4.73 1.50
N VAL A 200 -1.41 5.15 0.24
CA VAL A 200 -1.73 6.51 -0.17
C VAL A 200 -2.90 6.50 -1.14
N GLY A 201 -3.88 7.38 -0.90
CA GLY A 201 -5.03 7.51 -1.77
C GLY A 201 -5.02 8.81 -2.56
N ASN A 202 -5.56 8.77 -3.77
CA ASN A 202 -5.77 9.96 -4.58
C ASN A 202 -7.27 10.25 -4.62
N VAL A 203 -7.64 11.49 -4.35
CA VAL A 203 -9.06 11.88 -4.37
C VAL A 203 -9.18 13.20 -5.11
N PRO A 204 -10.39 13.53 -5.60
CA PRO A 204 -10.57 14.84 -6.25
C PRO A 204 -10.50 16.01 -5.29
N GLU A 205 -10.95 15.84 -4.04
CA GLU A 205 -10.97 16.92 -3.05
C GLU A 205 -10.44 16.42 -1.71
N LEU A 206 -9.26 16.92 -1.32
CA LEU A 206 -8.60 16.45 -0.10
C LEU A 206 -9.41 16.74 1.16
N GLY A 207 -9.97 17.94 1.26
CA GLY A 207 -10.64 18.36 2.47
C GLY A 207 -11.74 17.43 2.93
N PRO A 208 -12.74 17.20 2.07
CA PRO A 208 -13.80 16.28 2.44
C PRO A 208 -13.33 14.86 2.70
N ALA A 209 -12.30 14.40 1.97
CA ALA A 209 -11.77 13.06 2.21
C ALA A 209 -11.18 12.94 3.60
N LEU A 210 -10.38 13.93 4.01
CA LEU A 210 -9.78 13.93 5.34
C LEU A 210 -10.84 13.97 6.41
N THR A 211 -11.81 14.88 6.26
CA THR A 211 -12.88 15.03 7.25
C THR A 211 -13.65 13.73 7.44
N TYR A 212 -13.97 13.05 6.34
CA TYR A 212 -14.67 11.78 6.41
C TYR A 212 -13.86 10.73 7.17
N VAL A 213 -12.61 10.49 6.74
CA VAL A 213 -11.85 9.39 7.33
C VAL A 213 -11.45 9.72 8.76
N ALA A 214 -10.89 10.90 9.00
CA ALA A 214 -10.57 11.30 10.37
C ALA A 214 -11.82 11.28 11.24
N GLY A 215 -12.97 11.60 10.66
CA GLY A 215 -14.22 11.59 11.41
C GLY A 215 -14.55 10.23 12.00
N PHE A 216 -14.44 9.16 11.20
CA PHE A 216 -14.89 7.87 11.71
C PHE A 216 -13.79 7.04 12.38
N THR A 217 -12.52 7.38 12.18
CA THR A 217 -11.43 6.67 12.84
C THR A 217 -10.92 7.37 14.09
N GLY A 218 -11.00 8.69 14.15
CA GLY A 218 -10.23 9.40 15.15
C GLY A 218 -8.75 9.52 14.83
N PHE A 219 -8.34 9.12 13.62
CA PHE A 219 -6.96 9.31 13.22
C PHE A 219 -6.64 10.80 13.15
N HIS A 220 -5.42 11.16 13.54
CA HIS A 220 -5.02 12.56 13.63
C HIS A 220 -4.10 12.90 12.47
N GLN A 221 -4.00 14.19 12.19
CA GLN A 221 -3.08 14.65 11.16
C GLN A 221 -1.64 14.49 11.62
N PHE A 222 -0.85 13.77 10.84
CA PHE A 222 0.56 13.53 11.15
C PHE A 222 1.40 14.73 10.70
N ALA A 223 2.33 15.15 11.57
CA ALA A 223 3.13 16.35 11.32
C ALA A 223 4.08 16.19 10.13
N GLU A 224 4.09 17.18 9.25
CA GLU A 224 4.98 17.18 8.09
C GLU A 224 5.95 18.35 8.15
N PHE A 225 7.24 18.06 7.89
CA PHE A 225 8.30 19.08 7.75
C PHE A 225 8.33 20.02 8.95
N GLU A 234 3.68 23.67 -6.63
CA GLU A 234 4.14 23.59 -8.01
C GLU A 234 4.39 22.14 -8.44
N SER A 235 4.17 21.22 -7.51
CA SER A 235 4.35 19.78 -7.76
C SER A 235 3.07 19.09 -8.19
N GLY A 236 1.96 19.84 -8.29
CA GLY A 236 0.71 19.30 -8.79
C GLY A 236 -0.18 18.63 -7.76
N LEU A 237 0.15 18.70 -6.48
CA LEU A 237 -0.68 18.04 -5.48
C LEU A 237 -0.68 18.82 -4.17
N ASN A 238 -1.76 18.62 -3.42
CA ASN A 238 -1.79 18.88 -1.98
C ASN A 238 -2.02 17.56 -1.27
N SER A 239 -1.40 17.40 -0.11
CA SER A 239 -1.48 16.12 0.59
C SER A 239 -1.51 16.36 2.09
N ALA A 240 -2.09 15.39 2.79
CA ALA A 240 -2.05 15.35 4.24
C ALA A 240 -2.07 13.89 4.65
N VAL A 241 -1.61 13.62 5.87
CA VAL A 241 -1.43 12.26 6.36
C VAL A 241 -2.26 12.05 7.62
N LEU A 242 -3.06 11.00 7.63
CA LEU A 242 -3.79 10.58 8.83
C LEU A 242 -3.06 9.42 9.50
N ALA A 243 -3.05 9.41 10.82
CA ALA A 243 -2.25 8.45 11.57
C ALA A 243 -3.01 7.95 12.79
N SER A 244 -2.75 6.69 13.15
CA SER A 244 -3.30 6.08 14.35
C SER A 244 -2.53 6.56 15.58
N ASN A 245 -2.93 6.05 16.76
CA ASN A 245 -2.40 6.56 18.02
C ASN A 245 -0.89 6.44 18.10
N ASP A 246 -0.34 5.26 17.81
CA ASP A 246 1.10 5.09 17.83
C ASP A 246 1.74 5.43 16.49
N GLU A 247 0.96 5.99 15.55
CA GLU A 247 1.42 6.47 14.26
C GLU A 247 2.10 5.37 13.44
N MET A 248 1.68 4.12 13.63
CA MET A 248 2.16 3.03 12.80
C MET A 248 1.21 2.68 11.66
N VAL A 249 -0.04 3.11 11.72
CA VAL A 249 -0.93 3.07 10.58
C VAL A 249 -0.97 4.48 10.01
N LEU A 250 -0.49 4.62 8.77
CA LEU A 250 -0.28 5.92 8.13
C LEU A 250 -1.00 5.92 6.80
N LEU A 251 -1.92 6.87 6.63
CA LEU A 251 -2.78 6.95 5.45
C LEU A 251 -2.70 8.35 4.85
N PRO A 252 -1.69 8.61 4.02
CA PRO A 252 -1.67 9.87 3.27
C PRO A 252 -2.76 9.91 2.20
N ILE A 253 -3.23 11.12 1.91
CA ILE A 253 -4.23 11.36 0.87
C ILE A 253 -3.80 12.56 0.05
N ASN A 254 -3.91 12.45 -1.28
CA ASN A 254 -3.53 13.51 -2.20
C ASN A 254 -4.75 14.03 -2.95
N GLU A 255 -4.70 15.30 -3.32
CA GLU A 255 -5.63 15.89 -4.27
C GLU A 255 -4.81 16.61 -5.35
N PRO A 256 -5.36 16.77 -6.55
CA PRO A 256 -4.60 17.45 -7.60
C PRO A 256 -4.59 18.96 -7.39
N VAL A 257 -3.58 19.61 -7.96
CA VAL A 257 -3.54 21.06 -8.11
C VAL A 257 -3.59 21.36 -9.61
N HIS A 258 -4.64 22.05 -10.04
CA HIS A 258 -4.89 22.27 -11.46
C HIS A 258 -4.22 23.53 -11.97
N GLY A 259 -4.11 23.63 -13.30
CA GLY A 259 -3.53 24.78 -13.96
C GLY A 259 -2.03 24.84 -13.95
N THR A 260 -1.34 23.83 -13.41
CA THR A 260 0.10 23.83 -13.31
C THR A 260 0.74 23.71 -14.70
N LYS A 261 2.05 23.96 -14.75
CA LYS A 261 2.80 23.82 -15.99
C LYS A 261 2.70 22.40 -16.53
N ARG A 262 3.24 21.44 -15.80
CA ARG A 262 3.01 20.03 -16.12
C ARG A 262 1.69 19.58 -15.50
N LYS A 263 0.92 18.80 -16.26
CA LYS A 263 -0.37 18.33 -15.77
C LYS A 263 -0.18 17.49 -14.51
N SER A 264 -1.03 17.73 -13.52
CA SER A 264 -0.90 17.02 -12.26
C SER A 264 -1.02 15.51 -12.45
N GLN A 265 -0.05 14.78 -11.91
CA GLN A 265 -0.12 13.32 -11.93
C GLN A 265 -1.31 12.80 -11.12
N ILE A 266 -1.79 13.58 -10.13
CA ILE A 266 -2.98 13.16 -9.40
C ILE A 266 -4.19 13.20 -10.31
N GLN A 267 -4.27 14.21 -11.18
CA GLN A 267 -5.39 14.31 -12.11
C GLN A 267 -5.33 13.21 -13.17
N THR A 268 -4.13 12.93 -13.70
CA THR A 268 -3.99 11.81 -14.63
C THR A 268 -4.45 10.51 -13.98
N TYR A 269 -4.07 10.28 -12.72
CA TYR A 269 -4.53 9.11 -11.99
C TYR A 269 -6.06 9.05 -12.00
N LEU A 270 -6.71 10.14 -11.60
CA LEU A 270 -8.15 10.11 -11.45
C LEU A 270 -8.84 9.84 -12.78
N GLU A 271 -8.26 10.36 -13.87
CA GLU A 271 -8.83 10.12 -15.19
C GLU A 271 -8.68 8.66 -15.61
N HIS A 272 -7.48 8.11 -15.49
CA HIS A 272 -7.26 6.73 -15.92
C HIS A 272 -7.85 5.70 -14.96
N ASN A 273 -8.01 6.06 -13.70
CA ASN A 273 -8.59 5.15 -12.71
C ASN A 273 -10.11 5.20 -12.65
N GLU A 274 -10.73 6.12 -13.39
CA GLU A 274 -12.15 6.43 -13.22
C GLU A 274 -12.46 6.83 -11.78
N GLY A 275 -11.68 7.76 -11.25
CA GLY A 275 -11.97 8.39 -9.97
C GLY A 275 -10.98 8.01 -8.90
N ALA A 276 -11.37 8.31 -7.65
CA ALA A 276 -10.52 8.11 -6.50
C ALA A 276 -10.13 6.64 -6.34
N GLY A 277 -8.97 6.42 -5.75
CA GLY A 277 -8.48 5.08 -5.50
C GLY A 277 -7.13 5.13 -4.83
N LEU A 278 -6.58 3.94 -4.59
CA LEU A 278 -5.29 3.86 -3.94
C LEU A 278 -4.20 4.16 -4.95
N GLN A 279 -3.33 5.12 -4.62
CA GLN A 279 -2.26 5.54 -5.51
C GLN A 279 -1.00 4.70 -5.34
N HIS A 280 -0.47 4.62 -4.12
CA HIS A 280 0.73 3.79 -3.98
C HIS A 280 0.81 3.16 -2.61
N LEU A 281 1.55 2.06 -2.58
CA LEU A 281 1.88 1.32 -1.36
C LEU A 281 3.37 1.52 -1.11
N ALA A 282 3.71 1.96 0.10
CA ALA A 282 5.11 2.12 0.48
C ALA A 282 5.52 0.94 1.35
N LEU A 283 6.51 0.18 0.88
CA LEU A 283 6.94 -1.07 1.51
C LEU A 283 8.28 -0.83 2.18
N MET A 284 8.34 -1.05 3.49
CA MET A 284 9.60 -0.89 4.21
C MET A 284 10.52 -2.07 3.98
N SER A 285 11.78 -1.78 3.69
CA SER A 285 12.81 -2.79 3.55
C SER A 285 13.76 -2.67 4.73
N GLU A 286 14.24 -3.81 5.22
CA GLU A 286 15.31 -3.77 6.21
C GLU A 286 16.69 -3.60 5.58
N ASP A 287 16.76 -3.52 4.26
CA ASP A 287 18.05 -3.30 3.58
C ASP A 287 17.71 -2.83 2.16
N ILE A 288 17.46 -1.53 2.02
CA ILE A 288 16.93 -1.01 0.76
C ILE A 288 17.94 -1.20 -0.36
N PHE A 289 19.24 -1.24 -0.03
CA PHE A 289 20.25 -1.51 -1.06
C PHE A 289 20.08 -2.90 -1.64
N ARG A 290 19.93 -3.92 -0.78
CA ARG A 290 19.74 -5.27 -1.30
C ARG A 290 18.41 -5.38 -2.05
N THR A 291 17.34 -4.79 -1.49
CA THR A 291 16.04 -4.88 -2.16
C THR A 291 16.11 -4.32 -3.58
N LEU A 292 16.72 -3.15 -3.74
CA LEU A 292 16.76 -2.52 -5.06
C LEU A 292 17.71 -3.26 -5.99
N ARG A 293 18.82 -3.79 -5.48
CA ARG A 293 19.67 -4.62 -6.33
C ARG A 293 18.87 -5.79 -6.87
N GLU A 294 18.14 -6.49 -5.99
CA GLU A 294 17.40 -7.67 -6.41
C GLU A 294 16.25 -7.31 -7.33
N MET A 295 15.51 -6.24 -7.02
CA MET A 295 14.39 -5.87 -7.88
C MET A 295 14.87 -5.39 -9.25
N ARG A 296 15.96 -4.62 -9.29
CA ARG A 296 16.42 -4.10 -10.58
C ARG A 296 16.99 -5.20 -11.47
N LYS A 297 17.60 -6.23 -10.87
CA LYS A 297 18.04 -7.38 -11.66
C LYS A 297 16.88 -8.01 -12.43
N ARG A 298 15.67 -7.89 -11.88
CA ARG A 298 14.52 -8.61 -12.41
C ARG A 298 13.57 -7.73 -13.21
N SER A 299 13.84 -6.43 -13.32
CA SER A 299 12.93 -5.49 -13.98
C SER A 299 12.49 -5.96 -15.36
N SER A 300 13.45 -6.43 -16.17
CA SER A 300 13.17 -6.76 -17.55
C SER A 300 12.97 -8.26 -17.77
N ILE A 301 12.92 -9.04 -16.69
CA ILE A 301 12.63 -10.46 -16.78
C ILE A 301 11.45 -10.83 -15.90
N GLY A 302 10.41 -9.99 -15.93
CA GLY A 302 9.15 -10.30 -15.29
C GLY A 302 8.82 -9.43 -14.09
N GLY A 303 9.78 -8.67 -13.57
CA GLY A 303 9.58 -7.91 -12.35
C GLY A 303 9.05 -6.50 -12.60
N PHE A 304 9.53 -5.54 -11.81
CA PHE A 304 9.02 -4.19 -11.84
C PHE A 304 10.09 -3.22 -12.30
N ASP A 305 9.65 -2.21 -13.04
CA ASP A 305 10.50 -1.13 -13.52
C ASP A 305 10.49 0.00 -12.51
N PHE A 306 11.53 0.81 -12.54
CA PHE A 306 11.63 1.94 -11.64
C PHE A 306 11.60 3.24 -12.42
N MET A 307 11.20 4.31 -11.74
CA MET A 307 11.23 5.64 -12.34
C MET A 307 12.65 5.96 -12.80
N PRO A 308 12.80 6.89 -13.75
CA PRO A 308 14.14 7.28 -14.18
C PRO A 308 14.92 7.87 -13.02
N SER A 309 16.22 7.59 -13.00
CA SER A 309 17.04 7.97 -11.86
C SER A 309 17.34 9.47 -11.90
N PRO A 310 17.53 10.10 -10.74
CA PRO A 310 17.87 11.52 -10.74
C PRO A 310 19.25 11.75 -11.34
N PRO A 311 19.55 12.98 -11.78
CA PRO A 311 20.87 13.25 -12.38
C PRO A 311 21.97 13.13 -11.34
N PRO A 312 23.24 13.04 -11.77
CA PRO A 312 24.35 12.96 -10.81
C PRO A 312 24.46 14.17 -9.89
N THR A 313 23.97 15.34 -10.33
CA THR A 313 23.96 16.50 -9.45
C THR A 313 23.13 16.27 -8.21
N TYR A 314 22.04 15.50 -8.34
CA TYR A 314 21.27 15.15 -7.16
C TYR A 314 22.13 14.41 -6.15
N TYR A 315 22.99 13.51 -6.62
CA TYR A 315 23.80 12.75 -5.67
C TYR A 315 24.97 13.57 -5.16
N GLN A 316 25.52 14.48 -5.98
CA GLN A 316 26.50 15.43 -5.45
C GLN A 316 25.88 16.30 -4.36
N ASN A 317 24.64 16.74 -4.56
CA ASN A 317 23.94 17.54 -3.56
C ASN A 317 23.62 16.76 -2.30
N LEU A 318 23.72 15.43 -2.32
CA LEU A 318 23.45 14.63 -1.13
C LEU A 318 24.47 14.88 -0.04
N LYS A 319 25.72 15.17 -0.41
CA LYS A 319 26.76 15.35 0.59
C LYS A 319 26.40 16.47 1.56
N LYS A 320 25.86 17.58 1.04
CA LYS A 320 25.53 18.72 1.89
C LYS A 320 24.33 18.45 2.79
N ARG A 321 23.38 17.62 2.36
CA ARG A 321 22.17 17.47 3.17
C ARG A 321 22.18 16.24 4.06
N VAL A 322 22.89 15.17 3.71
CA VAL A 322 22.85 13.96 4.52
C VAL A 322 24.24 13.37 4.70
N GLY A 323 25.27 14.17 4.42
CA GLY A 323 26.65 13.71 4.59
C GLY A 323 26.99 13.33 6.02
N ASP A 324 26.16 13.73 6.98
CA ASP A 324 26.30 13.31 8.36
C ASP A 324 25.58 12.01 8.67
N VAL A 325 24.80 11.47 7.74
CA VAL A 325 24.05 10.24 7.93
C VAL A 325 24.57 9.12 7.05
N LEU A 326 24.95 9.44 5.81
CA LEU A 326 25.44 8.46 4.86
C LEU A 326 26.88 8.77 4.48
N SER A 327 27.69 7.73 4.44
CA SER A 327 29.06 7.87 3.96
C SER A 327 29.06 8.13 2.46
N ASP A 328 30.23 8.51 1.95
CA ASP A 328 30.38 8.68 0.51
C ASP A 328 30.05 7.39 -0.24
N ASP A 329 30.53 6.26 0.30
CA ASP A 329 30.23 4.97 -0.33
C ASP A 329 28.73 4.69 -0.29
N GLN A 330 28.08 4.98 0.84
CA GLN A 330 26.65 4.78 0.95
C GLN A 330 25.89 5.73 0.02
N ILE A 331 26.42 6.93 -0.20
CA ILE A 331 25.83 7.85 -1.18
C ILE A 331 26.09 7.34 -2.59
N LYS A 332 27.29 6.83 -2.85
CA LYS A 332 27.58 6.16 -4.11
C LYS A 332 26.58 5.03 -4.38
N GLU A 333 26.28 4.25 -3.35
CA GLU A 333 25.35 3.11 -3.51
C GLU A 333 23.95 3.59 -3.84
N CYS A 334 23.49 4.66 -3.16
CA CYS A 334 22.23 5.28 -3.54
C CYS A 334 22.22 5.69 -5.01
N GLU A 335 23.33 6.27 -5.48
CA GLU A 335 23.39 6.70 -6.87
C GLU A 335 23.29 5.52 -7.82
N GLU A 336 24.03 4.45 -7.54
CA GLU A 336 24.01 3.27 -8.41
C GLU A 336 22.59 2.70 -8.55
N LEU A 337 21.78 2.82 -7.52
CA LEU A 337 20.45 2.21 -7.48
C LEU A 337 19.33 3.21 -7.74
N GLY A 338 19.65 4.49 -7.91
CA GLY A 338 18.65 5.50 -8.16
C GLY A 338 17.80 5.87 -6.96
N ILE A 339 18.29 5.63 -5.76
CA ILE A 339 17.54 5.88 -4.53
C ILE A 339 17.50 7.37 -4.24
N LEU A 340 16.35 7.85 -3.75
CA LEU A 340 16.17 9.21 -3.29
C LEU A 340 16.34 9.28 -1.78
N VAL A 341 16.77 10.44 -1.29
CA VAL A 341 16.99 10.66 0.14
C VAL A 341 16.31 11.97 0.54
N ASP A 342 15.53 11.92 1.60
CA ASP A 342 14.98 13.13 2.20
C ASP A 342 15.22 13.08 3.70
N ARG A 343 14.98 14.22 4.34
CA ARG A 343 15.24 14.37 5.74
C ARG A 343 14.27 15.41 6.31
N ASP A 344 13.75 15.14 7.49
CA ASP A 344 13.04 16.14 8.27
C ASP A 344 13.86 16.46 9.51
N ASP A 345 13.19 16.96 10.55
CA ASP A 345 13.89 17.35 11.78
C ASP A 345 14.21 16.17 12.69
N GLN A 346 13.71 14.98 12.39
CA GLN A 346 13.87 13.84 13.26
C GLN A 346 14.61 12.67 12.62
N GLY A 347 14.46 12.47 11.31
CA GLY A 347 15.03 11.27 10.71
C GLY A 347 15.34 11.48 9.26
N THR A 348 15.84 10.41 8.64
CA THR A 348 16.22 10.39 7.23
C THR A 348 15.47 9.27 6.53
N LEU A 349 15.05 9.53 5.29
CA LEU A 349 14.26 8.60 4.50
C LEU A 349 15.01 8.27 3.22
N LEU A 350 15.14 6.98 2.93
CA LEU A 350 15.58 6.49 1.63
C LEU A 350 14.36 5.94 0.91
N GLN A 351 14.15 6.34 -0.35
CA GLN A 351 12.94 5.93 -1.05
C GLN A 351 13.20 5.79 -2.54
N ILE A 352 12.31 5.05 -3.21
CA ILE A 352 12.34 4.98 -4.66
C ILE A 352 10.97 4.50 -5.11
N PHE A 353 10.59 4.85 -6.33
CA PHE A 353 9.26 4.58 -6.86
C PHE A 353 9.34 3.70 -8.10
N THR A 354 8.47 2.68 -8.16
CA THR A 354 8.32 1.91 -9.37
C THR A 354 7.48 2.67 -10.40
N LYS A 355 7.61 2.25 -11.65
CA LYS A 355 6.62 2.58 -12.65
C LYS A 355 5.30 1.88 -12.30
N PRO A 356 4.20 2.27 -12.93
CA PRO A 356 2.90 1.66 -12.60
C PRO A 356 2.95 0.14 -12.65
N LEU A 357 2.22 -0.49 -11.72
CA LEU A 357 2.24 -1.94 -11.57
C LEU A 357 1.52 -2.66 -12.69
N GLY A 358 0.58 -2.01 -13.37
CA GLY A 358 -0.15 -2.67 -14.45
C GLY A 358 -0.32 -1.78 -15.66
N ASP A 359 -1.38 -2.02 -16.45
CA ASP A 359 -1.56 -1.34 -17.73
C ASP A 359 -1.76 0.17 -17.56
N ARG A 360 -2.51 0.57 -16.54
CA ARG A 360 -2.90 1.97 -16.42
C ARG A 360 -1.90 2.75 -15.59
N PRO A 361 -1.75 4.06 -15.89
CA PRO A 361 -0.84 4.90 -15.09
C PRO A 361 -1.49 5.32 -13.78
N THR A 362 -1.72 4.33 -12.92
CA THR A 362 -2.48 4.52 -11.70
C THR A 362 -1.66 4.09 -10.50
N ILE A 363 -1.81 2.83 -10.07
CA ILE A 363 -1.12 2.38 -8.86
C ILE A 363 0.36 2.11 -9.14
N PHE A 364 1.21 2.43 -8.17
CA PHE A 364 2.63 2.06 -8.21
C PHE A 364 3.07 1.72 -6.79
N ILE A 365 4.34 1.36 -6.65
CA ILE A 365 4.89 0.96 -5.37
C ILE A 365 6.09 1.85 -5.03
N GLU A 366 6.24 2.12 -3.74
CA GLU A 366 7.41 2.80 -3.20
C GLU A 366 8.15 1.82 -2.31
N ILE A 367 9.48 1.77 -2.43
CA ILE A 367 10.32 1.08 -1.47
C ILE A 367 10.96 2.11 -0.58
N ILE A 368 10.97 1.87 0.73
CA ILE A 368 11.52 2.85 1.66
C ILE A 368 12.31 2.15 2.76
N GLN A 369 13.22 2.93 3.36
CA GLN A 369 13.85 2.55 4.62
C GLN A 369 14.11 3.84 5.39
N ARG A 370 13.91 3.81 6.69
CA ARG A 370 13.97 4.99 7.53
C ARG A 370 15.13 4.87 8.52
N VAL A 371 15.82 5.99 8.74
CA VAL A 371 17.00 6.05 9.61
C VAL A 371 16.71 7.06 10.72
N GLY A 372 16.76 6.61 11.96
CA GLY A 372 16.63 7.51 13.10
C GLY A 372 15.43 7.23 13.99
N CYS A 373 15.02 8.25 14.75
CA CYS A 373 13.84 8.19 15.62
C CYS A 373 13.82 6.90 16.44
N MET A 374 14.95 6.57 17.05
CA MET A 374 15.05 5.37 17.85
C MET A 374 14.53 5.67 19.26
N MET A 375 13.69 4.76 19.77
CA MET A 375 13.13 4.89 21.11
C MET A 375 13.37 3.60 21.88
N TYR A 383 12.89 0.41 19.44
CA TYR A 383 11.97 0.50 18.32
C TYR A 383 12.06 1.87 17.63
N GLN A 384 11.60 1.92 16.37
CA GLN A 384 11.62 3.15 15.58
C GLN A 384 10.20 3.73 15.52
N SER A 385 10.07 5.02 15.77
CA SER A 385 8.74 5.61 15.73
C SER A 385 8.25 5.71 14.29
N GLY A 386 6.92 5.64 14.14
CA GLY A 386 6.35 5.61 12.80
C GLY A 386 6.55 6.92 12.07
N GLY A 387 6.78 6.82 10.76
CA GLY A 387 6.91 8.01 9.93
C GLY A 387 8.22 8.74 10.07
N CYS A 388 9.23 8.13 10.69
CA CYS A 388 10.55 8.73 10.85
C CYS A 388 11.14 9.25 9.55
N GLY A 389 11.33 10.56 9.44
CA GLY A 389 11.88 11.16 8.24
C GLY A 389 10.85 11.69 7.27
N GLY A 390 9.57 11.44 7.53
CA GLY A 390 8.53 12.02 6.70
C GLY A 390 8.17 11.15 5.51
N PHE A 391 7.78 11.78 4.39
CA PHE A 391 7.32 11.04 3.22
C PHE A 391 8.04 11.48 1.96
N GLY A 392 9.08 12.30 2.06
CA GLY A 392 9.86 12.67 0.91
C GLY A 392 9.38 13.88 0.16
N LYS A 393 8.52 14.70 0.77
CA LYS A 393 8.03 15.89 0.10
C LYS A 393 9.17 16.83 -0.30
N GLY A 394 10.22 16.89 0.51
CA GLY A 394 11.38 17.70 0.16
C GLY A 394 12.05 17.29 -1.14
N ASN A 395 11.76 16.08 -1.64
CA ASN A 395 12.40 15.61 -2.86
C ASN A 395 11.74 16.17 -4.12
N PHE A 396 10.58 16.81 -4.02
CA PHE A 396 10.00 17.47 -5.18
C PHE A 396 10.87 18.64 -5.62
N SER A 397 11.23 19.52 -4.69
CA SER A 397 12.06 20.67 -5.04
C SER A 397 13.51 20.28 -5.25
N GLU A 398 14.02 19.30 -4.53
CA GLU A 398 15.40 18.88 -4.74
C GLU A 398 15.58 18.17 -6.08
N LEU A 399 14.56 17.45 -6.53
CA LEU A 399 14.62 16.86 -7.87
C LEU A 399 14.60 17.94 -8.94
N PHE A 400 13.75 18.96 -8.78
CA PHE A 400 13.70 20.05 -9.74
C PHE A 400 15.03 20.79 -9.79
N LYS A 401 15.55 21.20 -8.63
CA LYS A 401 16.82 21.91 -8.58
C LYS A 401 17.94 21.06 -9.17
N SER A 402 17.98 19.77 -8.85
CA SER A 402 19.02 18.90 -9.38
C SER A 402 18.87 18.71 -10.88
N ILE A 403 17.63 18.66 -11.37
CA ILE A 403 17.40 18.58 -12.82
C ILE A 403 17.84 19.86 -13.48
N GLU A 404 17.47 21.02 -12.91
CA GLU A 404 17.95 22.29 -13.43
C GLU A 404 19.47 22.37 -13.41
N GLU A 405 20.08 21.92 -12.30
CA GLU A 405 21.53 21.96 -12.19
C GLU A 405 22.20 21.12 -13.27
N TYR A 406 21.60 19.96 -13.62
CA TYR A 406 22.25 19.08 -14.59
C TYR A 406 22.20 19.67 -16.00
N GLU A 407 21.10 20.35 -16.34
CA GLU A 407 21.06 21.09 -17.60
C GLU A 407 22.19 22.10 -17.68
N LYS A 408 22.46 22.80 -16.58
CA LYS A 408 23.59 23.71 -16.53
C LYS A 408 24.90 22.96 -16.63
N THR A 409 24.99 21.78 -16.00
CA THR A 409 26.21 20.98 -16.01
C THR A 409 26.28 20.12 -17.27
N LEU A 410 25.76 20.63 -18.38
CA LEU A 410 25.79 19.92 -19.67
C LEU A 410 26.06 20.89 -20.80
CO CO B . 5.04 7.57 -0.07
C13 0B8 C . 7.85 11.55 -4.76
C15 0B8 C . 5.83 10.41 -4.14
C17 0B8 C . 8.64 11.63 -6.94
C21 0B8 C . 9.89 12.74 -5.20
C22 0B8 C . 4.56 9.57 -4.40
C24 0B8 C . 7.47 10.54 -8.77
C28 0B8 C . 5.73 11.55 -11.73
C1 0B8 C . 2.59 11.30 1.01
C2 0B8 C . 2.69 12.82 0.79
C3 0B8 C . 2.58 13.27 -0.67
C4 0B8 C . 3.38 12.36 -1.62
C5 0B8 C . 3.92 11.05 -1.07
C6 0B8 C . 3.38 10.47 -0.01
C8 0B8 C . 5.10 10.34 -1.70
C9 0B8 C . 6.03 10.81 -2.82
C11 0B8 C . 7.14 11.55 -2.46
C12 0B8 C . 8.03 11.92 -3.42
C14 0B8 C . 6.75 10.80 -5.15
C19 0B8 C . 6.65 10.47 -6.49
C25 0B8 C . 6.40 11.33 -9.51
C29 0B8 C . 7.14 11.54 -12.31
C31 0B8 C . 8.60 12.74 -13.66
C32 0B8 C . 9.92 12.58 -13.24
C33 0B8 C . 10.93 12.52 -14.15
C34 0B8 C . 10.58 12.62 -15.53
C35 0B8 C . 9.26 12.76 -15.91
C36 0B8 C . 8.31 12.83 -14.98
C37 0B8 C . 12.26 12.37 -13.83
C38 0B8 C . 13.21 12.32 -14.89
C39 0B8 C . 12.84 12.41 -16.19
C40 0B8 C . 11.52 12.56 -16.52
C41 0B8 C . 12.73 12.27 -12.56
C42 0B8 C . 14.09 12.12 -12.31
C43 0B8 C . 14.97 12.07 -13.34
C44 0B8 C . 14.56 12.17 -14.61
C45 0B8 C . 10.31 12.48 -11.85
C46 0B8 C . 11.77 12.32 -11.49
N16 0B8 C . 8.75 11.95 -5.64
N18 0B8 C . 7.57 10.89 -7.36
O7 0B8 C . 3.87 9.23 0.41
O10 0B8 C . 5.35 9.26 -1.27
O20 0B8 C . 5.76 9.83 -6.96
O23 0B8 C . 9.45 11.99 -7.72
O26 0B8 C . 5.75 10.74 -10.59
O27 0B8 C . 6.14 12.44 -9.19
O30 0B8 C . 7.55 12.81 -12.72
O47 0B8 C . 3.56 12.67 -2.75
#